data_5GJN
#
_entry.id   5GJN
#
_cell.length_a   105.966
_cell.length_b   105.966
_cell.length_c   73.634
_cell.angle_alpha   90.000
_cell.angle_beta   90.000
_cell.angle_gamma   90.000
#
_symmetry.space_group_name_H-M   'P 43 21 2'
#
loop_
_entity.id
_entity.type
_entity.pdbx_description
1 polymer 'Lysine/ornithine decarboxylase'
2 non-polymer GLYCEROL
3 non-polymer 'MAGNESIUM ION'
4 non-polymer 'PENTAETHYLENE GLYCOL'
5 non-polymer 'TRIETHYLENE GLYCOL'
6 water water
#
_entity_poly.entity_id   1
_entity_poly.type   'polypeptide(L)'
_entity_poly.pdbx_seq_one_letter_code
;MKNFRLSEKEVKTLAKRIPTPFLVASLDKVEENYQFMRRHLPRAGVFYAMKANPTPEILSLLAGLGSHFDVASAGEMEIL
HELGVDGSQMIYANPVKDARGLKAAADYNVRRFTFDDPSEIDKMAKAVPGADVLVRIAVRNNKALVDLNTKFGAPVEEAL
DLLKAAQDAGLHAMGICFHVGSQSLSTAAYEEALLVARRLFDEAEEMGMHLTDLDIGGGFPVPDAKGLNVDLAAMMEAIN
KQIDRLFPDTAVWTEPGRYMCGTAVNLVTSVIGTKTRGEQPWYILDEGIYGCFSGIMYDHWTYPLHCFGKGNKKPSTFGG
PSCDGIDVLYRDFMAPELKIGDKVLVTEMGSYTSVSATRFNGFYLAPTIIFEDQPEYAARLTEDDDVKKKAAV
;
_entity_poly.pdbx_strand_id   A
#
# COMPACT_ATOMS: atom_id res chain seq x y z
N MET A 1 19.99 -2.01 -5.28
CA MET A 1 18.95 -1.83 -4.28
C MET A 1 18.09 -3.09 -4.19
N LYS A 2 18.54 -4.00 -3.35
CA LYS A 2 17.92 -5.29 -3.18
C LYS A 2 16.68 -5.19 -2.32
N ASN A 3 15.80 -6.16 -2.44
CA ASN A 3 14.67 -6.28 -1.55
C ASN A 3 15.20 -6.61 -0.17
N PHE A 4 14.60 -6.04 0.86
CA PHE A 4 15.00 -6.32 2.19
C PHE A 4 14.86 -7.82 2.53
N ARG A 5 15.91 -8.36 3.16
CA ARG A 5 15.96 -9.78 3.43
C ARG A 5 16.95 -10.02 4.59
N LEU A 6 16.45 -10.54 5.71
CA LEU A 6 17.24 -10.89 6.88
C LEU A 6 18.08 -12.13 6.53
N SER A 7 19.27 -12.21 7.11
CA SER A 7 20.13 -13.40 6.94
C SER A 7 19.67 -14.45 7.92
N GLU A 8 20.03 -15.69 7.65
CA GLU A 8 19.77 -16.73 8.63
C GLU A 8 20.32 -16.31 9.98
N LYS A 9 21.51 -15.72 9.95
CA LYS A 9 22.14 -15.29 11.18
C LYS A 9 21.35 -14.21 11.93
N GLU A 10 20.82 -13.22 11.22
CA GLU A 10 20.01 -12.15 11.90
C GLU A 10 18.64 -12.67 12.44
N VAL A 11 18.01 -13.53 11.66
CA VAL A 11 16.76 -14.20 12.09
C VAL A 11 16.99 -14.80 13.48
N LYS A 12 18.06 -15.57 13.61
CA LYS A 12 18.31 -16.25 14.88
C LYS A 12 18.58 -15.33 16.05
N THR A 13 19.36 -14.27 15.85
CA THR A 13 19.58 -13.34 16.94
C THR A 13 18.34 -12.56 17.30
N LEU A 14 17.55 -12.20 16.28
CA LEU A 14 16.32 -11.45 16.55
C LEU A 14 15.36 -12.27 17.39
N ALA A 15 15.20 -13.51 16.97
CA ALA A 15 14.22 -14.42 17.59
C ALA A 15 14.60 -14.88 19.01
N LYS A 16 15.88 -14.79 19.36
CA LYS A 16 16.34 -15.07 20.70
C LYS A 16 15.81 -14.00 21.61
N ARG A 17 15.72 -12.77 21.14
CA ARG A 17 15.16 -11.80 22.03
C ARG A 17 13.79 -11.30 21.70
N ILE A 18 13.20 -11.66 20.55
CA ILE A 18 11.83 -11.24 20.25
C ILE A 18 11.00 -12.50 19.99
N PRO A 19 9.90 -12.69 20.72
CA PRO A 19 9.13 -13.92 20.49
C PRO A 19 8.43 -13.86 19.13
N THR A 20 8.50 -14.93 18.35
CA THR A 20 7.79 -15.03 17.07
C THR A 20 6.30 -15.23 17.31
N PRO A 21 5.43 -14.85 16.37
CA PRO A 21 5.76 -14.19 15.08
C PRO A 21 6.01 -12.71 15.25
N PHE A 22 6.92 -12.20 14.44
CA PHE A 22 7.07 -10.78 14.30
C PHE A 22 7.52 -10.43 12.88
N LEU A 23 7.27 -9.18 12.51
CA LEU A 23 7.62 -8.60 11.24
C LEU A 23 8.79 -7.66 11.52
N VAL A 24 9.65 -7.50 10.53
CA VAL A 24 10.80 -6.59 10.66
C VAL A 24 10.79 -5.66 9.49
N ALA A 25 10.71 -4.37 9.77
CA ALA A 25 10.58 -3.37 8.70
C ALA A 25 11.94 -2.61 8.65
N SER A 26 12.41 -2.44 7.42
CA SER A 26 13.57 -1.65 7.06
C SER A 26 13.20 -0.29 6.60
N LEU A 27 13.36 0.69 7.46
CA LEU A 27 13.15 2.07 7.11
C LEU A 27 14.02 2.55 5.93
N ASP A 28 15.23 2.02 5.85
CA ASP A 28 16.12 2.36 4.74
C ASP A 28 15.56 1.87 3.45
N LYS A 29 14.97 0.67 3.41
CA LYS A 29 14.38 0.23 2.15
C LYS A 29 13.15 1.10 1.76
N VAL A 30 12.32 1.44 2.74
CA VAL A 30 11.19 2.33 2.47
C VAL A 30 11.71 3.63 1.86
N GLU A 31 12.76 4.19 2.46
CA GLU A 31 13.30 5.47 1.95
C GLU A 31 13.85 5.33 0.54
N GLU A 32 14.50 4.21 0.27
CA GLU A 32 15.03 3.93 -1.04
C GLU A 32 13.90 3.84 -2.06
N ASN A 33 12.83 3.16 -1.72
CA ASN A 33 11.64 3.11 -2.62
C ASN A 33 11.07 4.53 -2.92
N TYR A 34 10.91 5.32 -1.89
CA TYR A 34 10.44 6.68 -2.02
C TYR A 34 11.35 7.54 -2.95
N GLN A 35 12.67 7.50 -2.67
CA GLN A 35 13.62 8.32 -3.45
C GLN A 35 13.75 7.86 -4.87
N PHE A 36 13.62 6.56 -5.08
CA PHE A 36 13.56 6.02 -6.44
C PHE A 36 12.42 6.60 -7.24
N MET A 37 11.23 6.66 -6.64
CA MET A 37 10.08 7.25 -7.36
C MET A 37 10.33 8.75 -7.54
N ARG A 38 10.93 9.39 -6.56
CA ARG A 38 11.23 10.81 -6.70
C ARG A 38 12.22 11.08 -7.84
N ARG A 39 13.22 10.22 -7.94
CA ARG A 39 14.25 10.30 -8.97
C ARG A 39 13.75 10.11 -10.38
N HIS A 40 12.87 9.14 -10.57
CA HIS A 40 12.40 8.77 -11.89
C HIS A 40 11.00 9.24 -12.27
N LEU A 41 10.23 9.65 -11.28
CA LEU A 41 8.92 10.21 -11.52
C LEU A 41 8.82 11.49 -10.73
N PRO A 42 9.69 12.46 -11.02
CA PRO A 42 9.76 13.69 -10.24
C PRO A 42 8.47 14.50 -10.27
N ARG A 43 7.76 14.51 -11.39
CA ARG A 43 6.56 15.30 -11.53
C ARG A 43 5.46 14.94 -10.54
N ALA A 44 5.38 13.69 -10.14
CA ALA A 44 4.29 13.25 -9.28
C ALA A 44 4.56 13.42 -7.79
N GLY A 45 3.76 14.22 -7.11
CA GLY A 45 3.77 14.24 -5.66
C GLY A 45 3.20 12.93 -5.18
N VAL A 46 3.61 12.49 -3.99
CA VAL A 46 3.25 11.19 -3.45
C VAL A 46 2.17 11.27 -2.41
N PHE A 47 1.06 10.62 -2.70
CA PHE A 47 0.03 10.32 -1.73
C PHE A 47 0.23 8.85 -1.35
N TYR A 48 0.89 8.58 -0.24
CA TYR A 48 1.15 7.19 0.15
C TYR A 48 -0.16 6.57 0.60
N ALA A 49 -0.53 5.43 0.01
CA ALA A 49 -1.77 4.78 0.35
C ALA A 49 -1.51 3.95 1.59
N MET A 50 -1.69 4.55 2.75
CA MET A 50 -1.26 3.98 4.02
C MET A 50 -2.00 2.72 4.43
N LYS A 51 -3.10 2.44 3.75
CA LYS A 51 -3.87 1.25 3.98
C LYS A 51 -2.97 0.04 3.76
N ALA A 52 -2.02 0.16 2.85
CA ALA A 52 -1.09 -0.92 2.57
C ALA A 52 -0.20 -1.26 3.76
N ASN A 53 0.32 -0.25 4.43
CA ASN A 53 1.08 -0.43 5.67
C ASN A 53 1.10 0.84 6.49
N PRO A 54 0.47 0.85 7.66
CA PRO A 54 0.39 2.05 8.49
C PRO A 54 1.36 2.11 9.68
N THR A 55 2.42 1.33 9.64
CA THR A 55 3.39 1.23 10.73
C THR A 55 3.82 2.68 11.07
N PRO A 56 3.65 3.09 12.33
CA PRO A 56 3.94 4.48 12.71
C PRO A 56 5.29 5.00 12.30
N GLU A 57 6.33 4.21 12.49
CA GLU A 57 7.65 4.68 12.11
C GLU A 57 7.86 4.83 10.58
N ILE A 58 7.15 4.01 9.77
CA ILE A 58 7.18 4.17 8.33
C ILE A 58 6.52 5.49 7.93
N LEU A 59 5.37 5.78 8.54
CA LEU A 59 4.61 7.01 8.31
C LEU A 59 5.41 8.21 8.74
N SER A 60 6.00 8.19 9.93
CA SER A 60 6.90 9.33 10.32
C SER A 60 8.04 9.60 9.35
N LEU A 61 8.71 8.53 8.94
CA LEU A 61 9.74 8.61 7.91
C LEU A 61 9.23 9.27 6.64
N LEU A 62 8.15 8.74 6.06
CA LEU A 62 7.63 9.33 4.82
C LEU A 62 7.28 10.83 4.98
N ALA A 63 6.61 11.16 6.10
CA ALA A 63 6.20 12.52 6.31
C ALA A 63 7.45 13.43 6.33
N GLY A 64 8.53 12.95 6.96
CA GLY A 64 9.75 13.82 7.04
C GLY A 64 10.44 13.88 5.69
N LEU A 65 10.21 12.88 4.80
CA LEU A 65 10.66 12.96 3.43
C LEU A 65 9.87 13.90 2.54
N GLY A 66 8.71 14.35 2.99
CA GLY A 66 7.92 15.25 2.17
C GLY A 66 6.70 14.57 1.59
N SER A 67 6.41 13.32 2.00
CA SER A 67 5.32 12.59 1.43
C SER A 67 4.01 13.16 1.98
N HIS A 68 3.00 13.13 1.13
CA HIS A 68 1.60 13.21 1.51
C HIS A 68 0.99 11.82 1.64
N PHE A 69 -0.27 11.75 2.06
CA PHE A 69 -0.92 10.51 2.42
C PHE A 69 -2.37 10.44 1.86
N ASP A 70 -2.69 9.29 1.33
CA ASP A 70 -4.02 9.00 0.89
C ASP A 70 -4.64 8.27 2.07
N VAL A 71 -5.70 8.85 2.63
CA VAL A 71 -6.39 8.29 3.78
C VAL A 71 -7.80 7.87 3.41
N ALA A 72 -8.27 6.82 4.04
CA ALA A 72 -9.55 6.17 3.68
C ALA A 72 -10.58 6.23 4.75
N SER A 73 -10.23 6.70 5.95
CA SER A 73 -11.15 6.66 7.09
C SER A 73 -10.69 7.62 8.20
N ALA A 74 -11.58 7.85 9.13
CA ALA A 74 -11.20 8.60 10.39
C ALA A 74 -9.96 8.00 11.09
N GLY A 75 -9.98 6.67 11.17
CA GLY A 75 -8.92 5.88 11.78
C GLY A 75 -7.56 6.13 11.22
N GLU A 76 -7.46 6.27 9.90
CA GLU A 76 -6.20 6.48 9.25
C GLU A 76 -5.76 7.93 9.55
N MET A 77 -6.70 8.86 9.53
CA MET A 77 -6.41 10.25 9.82
C MET A 77 -5.91 10.38 11.25
N GLU A 78 -6.52 9.63 12.16
CA GLU A 78 -6.13 9.62 13.56
C GLU A 78 -4.73 9.08 13.80
N ILE A 79 -4.37 8.00 13.11
CA ILE A 79 -3.02 7.48 13.14
C ILE A 79 -2.00 8.52 12.73
N LEU A 80 -2.25 9.21 11.63
CA LEU A 80 -1.38 10.21 11.14
C LEU A 80 -1.34 11.45 12.09
N HIS A 81 -2.50 11.88 12.52
CA HIS A 81 -2.59 12.95 13.45
C HIS A 81 -1.71 12.77 14.72
N GLU A 82 -1.68 11.58 15.30
CA GLU A 82 -0.81 11.27 16.42
C GLU A 82 0.67 11.37 16.12
N LEU A 83 1.06 11.35 14.85
CA LEU A 83 2.44 11.45 14.51
C LEU A 83 2.78 12.87 14.06
N GLY A 84 1.85 13.80 14.27
CA GLY A 84 2.10 15.17 13.94
C GLY A 84 1.92 15.49 12.49
N VAL A 85 1.19 14.67 11.73
CA VAL A 85 0.92 14.99 10.33
C VAL A 85 -0.40 15.76 10.22
N ASP A 86 -0.42 16.83 9.42
CA ASP A 86 -1.59 17.70 9.31
C ASP A 86 -2.44 17.32 8.10
N GLY A 87 -3.69 17.73 8.09
CA GLY A 87 -4.59 17.45 6.94
C GLY A 87 -4.16 18.06 5.65
N SER A 88 -3.29 19.08 5.73
CA SER A 88 -2.69 19.60 4.52
C SER A 88 -1.75 18.61 3.77
N GLN A 89 -1.41 17.54 4.45
CA GLN A 89 -0.58 16.46 3.93
C GLN A 89 -1.39 15.21 3.56
N MET A 90 -2.72 15.34 3.55
CA MET A 90 -3.66 14.25 3.31
C MET A 90 -4.64 14.55 2.20
N ILE A 91 -5.15 13.49 1.60
CA ILE A 91 -6.31 13.54 0.74
C ILE A 91 -7.25 12.44 1.21
N TYR A 92 -8.52 12.76 1.40
CA TYR A 92 -9.48 11.76 1.86
C TYR A 92 -10.03 11.11 0.62
N ALA A 93 -9.39 10.04 0.21
CA ALA A 93 -9.56 9.48 -1.11
C ALA A 93 -10.40 8.23 -1.11
N ASN A 94 -11.36 8.18 -0.21
CA ASN A 94 -12.37 7.17 -0.22
C ASN A 94 -13.57 7.79 -0.87
N PRO A 95 -14.07 7.24 -1.97
CA PRO A 95 -15.17 7.85 -2.70
C PRO A 95 -16.45 7.97 -1.89
N VAL A 96 -16.73 7.03 -1.00
CA VAL A 96 -17.89 7.13 -0.13
C VAL A 96 -17.48 7.26 1.33
N LYS A 97 -17.71 8.44 1.90
CA LYS A 97 -17.26 8.78 3.23
C LYS A 97 -18.36 8.68 4.28
N ASP A 98 -17.98 8.37 5.51
CA ASP A 98 -18.93 8.33 6.61
C ASP A 98 -18.84 9.54 7.52
N ALA A 99 -19.73 9.63 8.50
CA ALA A 99 -19.78 10.81 9.33
C ALA A 99 -18.50 11.01 10.12
N ARG A 100 -17.96 9.94 10.66
CA ARG A 100 -16.75 10.05 11.45
C ARG A 100 -15.56 10.52 10.63
N GLY A 101 -15.44 10.01 9.42
CA GLY A 101 -14.36 10.40 8.55
C GLY A 101 -14.45 11.86 8.19
N LEU A 102 -15.66 12.31 7.93
CA LEU A 102 -15.94 13.70 7.54
C LEU A 102 -15.66 14.64 8.70
N LYS A 103 -15.98 14.19 9.89
CA LYS A 103 -15.70 15.01 11.10
C LYS A 103 -14.22 15.06 11.37
N ALA A 104 -13.53 13.92 11.28
CA ALA A 104 -12.06 13.88 11.42
C ALA A 104 -11.42 14.77 10.38
N ALA A 105 -11.93 14.73 9.13
CA ALA A 105 -11.33 15.55 8.07
C ALA A 105 -11.40 17.07 8.45
N ALA A 106 -12.58 17.49 8.85
CA ALA A 106 -12.73 18.88 9.31
C ALA A 106 -11.82 19.16 10.56
N ASP A 107 -11.75 18.24 11.51
CA ASP A 107 -10.86 18.44 12.70
C ASP A 107 -9.42 18.59 12.36
N TYR A 108 -8.93 17.84 11.34
CA TYR A 108 -7.50 17.84 11.04
C TYR A 108 -7.11 18.64 9.80
N ASN A 109 -8.04 19.44 9.31
CA ASN A 109 -7.76 20.38 8.19
C ASN A 109 -7.55 19.65 6.85
N VAL A 110 -8.21 18.52 6.65
CA VAL A 110 -8.12 17.87 5.37
C VAL A 110 -9.06 18.69 4.45
N ARG A 111 -8.52 19.24 3.37
CA ARG A 111 -9.29 19.97 2.36
C ARG A 111 -9.50 19.27 1.03
N ARG A 112 -8.83 18.15 0.80
CA ARG A 112 -8.89 17.46 -0.51
C ARG A 112 -9.63 16.14 -0.33
N PHE A 113 -10.62 15.91 -1.20
CA PHE A 113 -11.55 14.79 -1.21
C PHE A 113 -11.70 14.25 -2.63
N THR A 114 -11.95 12.96 -2.78
CA THR A 114 -12.31 12.39 -4.07
C THR A 114 -13.75 11.90 -4.01
N PHE A 115 -14.40 11.88 -5.16
CA PHE A 115 -15.75 11.34 -5.26
C PHE A 115 -16.04 10.82 -6.66
N ASP A 116 -17.00 9.93 -6.76
CA ASP A 116 -17.43 9.42 -8.05
C ASP A 116 -18.94 9.40 -8.32
N ASP A 117 -19.74 9.94 -7.43
CA ASP A 117 -21.19 9.80 -7.54
C ASP A 117 -21.94 11.06 -7.15
N PRO A 118 -23.08 11.31 -7.74
CA PRO A 118 -23.84 12.50 -7.37
C PRO A 118 -24.21 12.44 -5.89
N SER A 119 -24.51 11.28 -5.36
CA SER A 119 -24.91 11.18 -3.92
C SER A 119 -23.89 11.62 -2.91
N GLU A 120 -22.62 11.72 -3.28
CA GLU A 120 -21.58 12.06 -2.34
C GLU A 120 -21.48 13.57 -2.18
N ILE A 121 -22.07 14.36 -3.09
CA ILE A 121 -21.79 15.79 -3.10
C ILE A 121 -22.34 16.53 -1.86
N ASP A 122 -23.62 16.33 -1.57
CA ASP A 122 -24.23 17.18 -0.51
C ASP A 122 -23.60 16.90 0.81
N LYS A 123 -23.23 15.65 1.04
CA LYS A 123 -22.56 15.30 2.28
C LYS A 123 -21.20 16.00 2.46
N MET A 124 -20.41 16.11 1.41
CA MET A 124 -19.17 16.81 1.49
C MET A 124 -19.40 18.34 1.65
N ALA A 125 -20.36 18.86 0.91
CA ALA A 125 -20.70 20.31 0.99
C ALA A 125 -21.05 20.73 2.44
N LYS A 126 -21.93 19.97 3.09
CA LYS A 126 -22.22 20.24 4.48
C LYS A 126 -21.05 20.05 5.44
N ALA A 127 -20.33 18.96 5.31
CA ALA A 127 -19.20 18.68 6.20
C ALA A 127 -17.98 19.58 6.07
N VAL A 128 -17.58 19.87 4.85
CA VAL A 128 -16.42 20.72 4.63
C VAL A 128 -16.70 21.72 3.52
N PRO A 129 -17.40 22.79 3.85
CA PRO A 129 -17.81 23.71 2.80
C PRO A 129 -16.60 24.25 2.08
N GLY A 130 -16.68 24.31 0.75
CA GLY A 130 -15.63 24.90 -0.04
C GLY A 130 -14.43 24.02 -0.30
N ALA A 131 -14.48 22.77 0.15
CA ALA A 131 -13.36 21.86 0.02
C ALA A 131 -13.03 21.60 -1.46
N ASP A 132 -11.78 21.22 -1.68
CA ASP A 132 -11.30 20.83 -3.01
C ASP A 132 -11.68 19.40 -3.30
N VAL A 133 -12.28 19.15 -4.48
CA VAL A 133 -12.72 17.80 -4.89
C VAL A 133 -12.09 17.39 -6.20
N LEU A 134 -11.68 16.13 -6.25
CA LEU A 134 -11.24 15.49 -7.47
C LEU A 134 -12.26 14.39 -7.79
N VAL A 135 -12.68 14.34 -9.05
CA VAL A 135 -13.57 13.29 -9.47
C VAL A 135 -12.75 12.10 -9.91
N ARG A 136 -13.15 10.95 -9.43
CA ARG A 136 -12.53 9.72 -9.83
C ARG A 136 -13.22 9.17 -11.08
N ILE A 137 -12.46 8.98 -12.16
CA ILE A 137 -13.00 8.41 -13.40
C ILE A 137 -12.63 6.93 -13.56
N ALA A 138 -13.53 6.13 -14.12
CA ALA A 138 -13.20 4.77 -14.53
C ALA A 138 -12.69 4.79 -15.95
N VAL A 139 -11.43 4.46 -16.09
CA VAL A 139 -10.81 4.18 -17.36
C VAL A 139 -10.68 2.67 -17.46
N ARG A 140 -11.81 2.01 -17.65
CA ARG A 140 -11.88 0.57 -17.78
C ARG A 140 -13.33 0.14 -17.57
N THR A 150 -15.50 -1.17 -11.00
CA THR A 150 -16.94 -1.34 -10.89
C THR A 150 -17.46 -0.65 -9.64
N LYS A 151 -16.77 -0.88 -8.52
CA LYS A 151 -17.01 -0.20 -7.25
C LYS A 151 -16.73 1.30 -7.25
N PHE A 152 -15.67 1.70 -7.96
CA PHE A 152 -15.26 3.09 -7.99
C PHE A 152 -15.08 3.67 -9.41
N GLY A 153 -15.31 4.96 -9.55
CA GLY A 153 -15.08 5.66 -10.79
C GLY A 153 -16.32 5.95 -11.60
N ALA A 154 -16.47 7.20 -11.99
CA ALA A 154 -17.58 7.63 -12.80
C ALA A 154 -17.19 7.44 -14.24
N PRO A 155 -18.20 7.31 -15.09
CA PRO A 155 -17.95 7.27 -16.51
C PRO A 155 -17.27 8.55 -16.90
N VAL A 156 -16.30 8.41 -17.80
CA VAL A 156 -15.53 9.50 -18.29
C VAL A 156 -16.42 10.61 -18.69
N GLU A 157 -17.46 10.29 -19.47
CA GLU A 157 -18.31 11.34 -19.98
C GLU A 157 -19.33 11.92 -18.96
N GLU A 158 -19.34 11.38 -17.75
CA GLU A 158 -20.05 12.00 -16.65
C GLU A 158 -19.17 12.91 -15.76
N ALA A 159 -17.86 12.90 -15.96
CA ALA A 159 -16.91 13.48 -15.03
C ALA A 159 -17.05 14.95 -14.81
N LEU A 160 -17.12 15.73 -15.88
CA LEU A 160 -17.25 17.16 -15.76
C LEU A 160 -18.63 17.61 -15.22
N ASP A 161 -19.73 16.91 -15.54
CA ASP A 161 -21.05 17.24 -14.90
C ASP A 161 -20.98 17.01 -13.40
N LEU A 162 -20.23 15.99 -12.98
CA LEU A 162 -20.09 15.76 -11.53
C LEU A 162 -19.34 16.90 -10.89
N LEU A 163 -18.19 17.27 -11.46
CA LEU A 163 -17.40 18.42 -10.97
C LEU A 163 -18.24 19.72 -10.97
N LYS A 164 -19.06 19.91 -11.99
CA LYS A 164 -19.93 21.07 -12.07
C LYS A 164 -20.99 21.08 -10.97
N ALA A 165 -21.60 19.93 -10.73
CA ALA A 165 -22.55 19.79 -9.63
C ALA A 165 -21.86 20.01 -8.31
N ALA A 166 -20.63 19.57 -8.20
CA ALA A 166 -19.94 19.83 -6.95
C ALA A 166 -19.73 21.32 -6.85
N GLN A 167 -19.36 21.96 -7.97
CA GLN A 167 -19.18 23.41 -7.92
C GLN A 167 -20.50 24.11 -7.53
N ASP A 168 -21.62 23.62 -8.05
CA ASP A 168 -22.92 24.18 -7.75
C ASP A 168 -23.17 24.16 -6.26
N ALA A 169 -22.69 23.12 -5.55
CA ALA A 169 -22.99 22.97 -4.15
C ALA A 169 -21.98 23.68 -3.29
N GLY A 170 -21.11 24.48 -3.90
CA GLY A 170 -20.18 25.27 -3.20
C GLY A 170 -18.77 24.70 -2.99
N LEU A 171 -18.50 23.53 -3.52
CA LEU A 171 -17.18 22.92 -3.42
C LEU A 171 -16.32 23.44 -4.54
N HIS A 172 -15.02 23.21 -4.43
CA HIS A 172 -14.08 23.70 -5.41
C HIS A 172 -13.67 22.54 -6.37
N ALA A 173 -14.00 22.67 -7.65
CA ALA A 173 -13.71 21.58 -8.61
C ALA A 173 -12.24 21.70 -8.90
N MET A 174 -11.45 20.81 -8.31
CA MET A 174 -9.99 20.85 -8.37
C MET A 174 -9.32 19.98 -9.43
N GLY A 175 -9.87 18.81 -9.69
CA GLY A 175 -9.25 17.87 -10.61
C GLY A 175 -9.85 16.51 -10.74
N ILE A 176 -9.01 15.61 -11.20
CA ILE A 176 -9.41 14.30 -11.63
C ILE A 176 -8.43 13.29 -11.10
N CYS A 177 -8.91 12.12 -10.74
CA CYS A 177 -8.02 11.02 -10.50
C CYS A 177 -8.51 9.74 -11.14
N PHE A 178 -7.55 8.88 -11.43
CA PHE A 178 -7.83 7.60 -12.02
C PHE A 178 -6.92 6.54 -11.43
N HIS A 179 -7.31 5.30 -11.57
CA HIS A 179 -6.51 4.16 -11.15
C HIS A 179 -6.39 3.21 -12.31
N VAL A 180 -5.18 2.96 -12.79
CA VAL A 180 -4.91 2.09 -13.93
C VAL A 180 -3.72 1.12 -13.71
N GLY A 181 -3.21 1.08 -12.49
CA GLY A 181 -2.05 0.27 -12.21
C GLY A 181 -2.42 -1.19 -12.13
N SER A 182 -1.73 -1.99 -12.95
CA SER A 182 -1.95 -3.42 -12.99
C SER A 182 -0.76 -4.15 -12.39
N GLN A 183 0.29 -3.39 -12.11
CA GLN A 183 1.53 -3.99 -11.69
C GLN A 183 2.19 -4.65 -12.90
N SER A 184 1.83 -4.13 -14.08
CA SER A 184 2.54 -4.43 -15.33
C SER A 184 3.53 -3.32 -15.66
N LEU A 185 4.60 -3.66 -16.38
CA LEU A 185 5.61 -2.69 -16.83
C LEU A 185 5.15 -1.73 -17.92
N SER A 186 4.08 -2.08 -18.60
CA SER A 186 3.49 -1.25 -19.63
C SER A 186 3.19 0.14 -19.09
N THR A 187 3.59 1.16 -19.82
CA THR A 187 3.21 2.52 -19.49
C THR A 187 1.89 2.90 -20.22
N ALA A 188 1.46 2.04 -21.17
CA ALA A 188 0.40 2.38 -22.13
C ALA A 188 -0.82 2.80 -21.43
N ALA A 189 -1.17 2.11 -20.35
CA ALA A 189 -2.41 2.44 -19.70
C ALA A 189 -2.32 3.82 -18.97
N TYR A 190 -1.18 4.15 -18.37
CA TYR A 190 -1.00 5.46 -17.74
C TYR A 190 -1.01 6.50 -18.80
N GLU A 191 -0.28 6.27 -19.86
CA GLU A 191 -0.19 7.27 -20.89
C GLU A 191 -1.55 7.55 -21.51
N GLU A 192 -2.32 6.51 -21.70
CA GLU A 192 -3.64 6.61 -22.27
C GLU A 192 -4.58 7.42 -21.41
N ALA A 193 -4.52 7.16 -20.12
CA ALA A 193 -5.33 7.86 -19.17
C ALA A 193 -4.97 9.34 -19.20
N LEU A 194 -3.70 9.62 -19.35
CA LEU A 194 -3.24 10.99 -19.35
C LEU A 194 -3.85 11.76 -20.51
N LEU A 195 -3.97 11.14 -21.68
CA LEU A 195 -4.62 11.78 -22.81
C LEU A 195 -6.10 12.03 -22.52
N VAL A 196 -6.80 11.11 -21.88
CA VAL A 196 -8.19 11.36 -21.52
C VAL A 196 -8.31 12.54 -20.56
N ALA A 197 -7.44 12.57 -19.57
CA ALA A 197 -7.46 13.61 -18.57
C ALA A 197 -7.19 14.95 -19.24
N ARG A 198 -6.27 14.98 -20.18
CA ARG A 198 -5.93 16.21 -20.87
C ARG A 198 -7.15 16.75 -21.61
N ARG A 199 -7.91 15.88 -22.24
CA ARG A 199 -9.11 16.32 -22.91
C ARG A 199 -10.13 16.90 -21.94
N LEU A 200 -10.34 16.23 -20.83
CA LEU A 200 -11.31 16.75 -19.83
C LEU A 200 -10.89 18.07 -19.21
N PHE A 201 -9.59 18.22 -18.93
CA PHE A 201 -9.07 19.48 -18.44
C PHE A 201 -9.35 20.67 -19.40
N ASP A 202 -9.14 20.45 -20.70
CA ASP A 202 -9.46 21.44 -21.74
C ASP A 202 -10.97 21.73 -21.82
N GLU A 203 -11.79 20.68 -21.78
CA GLU A 203 -13.28 20.88 -21.77
C GLU A 203 -13.75 21.64 -20.56
N ALA A 204 -13.19 21.31 -19.39
CA ALA A 204 -13.54 21.99 -18.15
C ALA A 204 -13.34 23.51 -18.23
N GLU A 205 -12.25 23.97 -18.84
CA GLU A 205 -12.01 25.41 -18.98
C GLU A 205 -13.19 26.09 -19.64
N GLU A 206 -13.82 25.42 -20.59
CA GLU A 206 -14.94 26.00 -21.32
C GLU A 206 -16.20 25.96 -20.47
N MET A 207 -16.28 25.12 -19.43
CA MET A 207 -17.44 25.06 -18.55
C MET A 207 -17.35 25.91 -17.29
N GLY A 208 -16.42 26.86 -17.25
CA GLY A 208 -16.23 27.69 -16.09
C GLY A 208 -15.48 27.04 -14.94
N MET A 209 -14.69 26.00 -15.24
CA MET A 209 -13.88 25.37 -14.21
C MET A 209 -12.43 25.47 -14.66
N HIS A 210 -11.51 25.54 -13.71
CA HIS A 210 -10.11 25.47 -14.04
C HIS A 210 -9.56 24.37 -13.14
N LEU A 211 -9.16 23.25 -13.70
CA LEU A 211 -8.72 22.11 -12.88
C LEU A 211 -7.24 22.28 -12.69
N THR A 212 -6.75 21.97 -11.50
CA THR A 212 -5.33 22.21 -11.16
C THR A 212 -4.51 21.01 -10.73
N ASP A 213 -5.14 19.90 -10.37
CA ASP A 213 -4.52 18.75 -9.84
C ASP A 213 -5.00 17.47 -10.52
N LEU A 214 -4.09 16.58 -10.77
CA LEU A 214 -4.36 15.25 -11.41
C LEU A 214 -3.71 14.17 -10.63
N ASP A 215 -4.47 13.14 -10.33
CA ASP A 215 -3.98 12.03 -9.55
C ASP A 215 -4.06 10.76 -10.39
N ILE A 216 -2.92 10.15 -10.64
CA ILE A 216 -2.82 9.02 -11.55
C ILE A 216 -2.89 7.67 -10.85
N GLY A 217 -3.16 7.66 -9.55
CA GLY A 217 -3.34 6.45 -8.80
C GLY A 217 -2.06 5.68 -8.57
N GLY A 218 -2.18 4.38 -8.33
CA GLY A 218 -1.07 3.56 -7.92
C GLY A 218 -1.09 2.24 -8.65
N GLY A 219 -0.59 1.21 -8.00
CA GLY A 219 -0.54 -0.13 -8.54
C GLY A 219 0.65 -0.32 -9.45
N PHE A 220 1.81 0.17 -9.04
CA PHE A 220 3.04 -0.01 -9.78
C PHE A 220 3.57 -1.43 -9.68
N PRO A 221 4.39 -1.84 -10.63
CA PRO A 221 5.01 -3.16 -10.57
C PRO A 221 5.90 -3.26 -9.36
N VAL A 222 6.00 -4.43 -8.73
CA VAL A 222 6.88 -4.57 -7.56
C VAL A 222 8.38 -4.67 -7.91
N PRO A 223 9.22 -3.97 -7.14
CA PRO A 223 10.66 -3.90 -7.41
C PRO A 223 11.44 -5.21 -7.28
N ASP A 224 12.44 -5.41 -8.13
CA ASP A 224 13.12 -6.68 -8.31
C ASP A 224 13.76 -7.20 -7.05
N ALA A 225 13.67 -8.51 -6.86
CA ALA A 225 14.18 -9.14 -5.66
C ALA A 225 15.66 -8.86 -5.60
N LEU A 228 14.17 -3.36 -6.91
CA LEU A 228 14.13 -2.29 -7.91
C LEU A 228 15.00 -2.68 -9.08
N ASN A 229 14.72 -2.11 -10.25
CA ASN A 229 15.47 -2.44 -11.48
C ASN A 229 15.31 -1.34 -12.54
N VAL A 230 16.12 -1.46 -13.57
CA VAL A 230 16.16 -0.47 -14.65
C VAL A 230 14.86 -0.42 -15.47
N ASP A 231 14.21 -1.57 -15.66
CA ASP A 231 12.93 -1.57 -16.38
C ASP A 231 11.84 -0.76 -15.59
N LEU A 232 11.83 -0.89 -14.29
CA LEU A 232 10.90 -0.11 -13.48
C LEU A 232 11.26 1.39 -13.58
N ALA A 233 12.55 1.69 -13.45
CA ALA A 233 12.99 3.10 -13.64
C ALA A 233 12.56 3.62 -14.99
N ALA A 234 12.70 2.83 -16.04
CA ALA A 234 12.35 3.28 -17.38
C ALA A 234 10.87 3.55 -17.53
N MET A 235 10.06 2.73 -16.92
CA MET A 235 8.60 2.96 -16.96
C MET A 235 8.24 4.29 -16.34
N MET A 236 8.78 4.54 -15.18
CA MET A 236 8.53 5.80 -14.47
C MET A 236 8.99 6.99 -15.30
N GLU A 237 10.19 6.93 -15.90
CA GLU A 237 10.70 8.03 -16.73
C GLU A 237 9.75 8.29 -17.89
N ALA A 238 9.19 7.22 -18.40
CA ALA A 238 8.32 7.37 -19.56
C ALA A 238 6.97 8.03 -19.13
N ILE A 239 6.44 7.62 -17.99
CA ILE A 239 5.23 8.27 -17.44
C ILE A 239 5.56 9.74 -17.20
N ASN A 240 6.70 9.97 -16.57
CA ASN A 240 7.10 11.32 -16.27
C ASN A 240 7.21 12.19 -17.49
N LYS A 241 7.75 11.65 -18.58
CA LYS A 241 7.89 12.43 -19.86
C LYS A 241 6.52 12.85 -20.43
N GLN A 242 5.57 11.93 -20.39
CA GLN A 242 4.20 12.24 -20.82
C GLN A 242 3.48 13.25 -19.90
N ILE A 243 3.70 13.15 -18.60
CA ILE A 243 3.20 14.16 -17.64
C ILE A 243 3.77 15.53 -17.98
N ASP A 244 5.08 15.62 -18.25
CA ASP A 244 5.73 16.95 -18.51
C ASP A 244 5.27 17.52 -19.82
N ARG A 245 5.00 16.66 -20.77
CA ARG A 245 4.46 17.11 -22.01
C ARG A 245 3.03 17.55 -21.94
N LEU A 246 2.15 16.67 -21.49
CA LEU A 246 0.71 16.95 -21.37
C LEU A 246 0.27 17.93 -20.28
N PHE A 247 0.93 17.91 -19.14
CA PHE A 247 0.52 18.69 -17.99
C PHE A 247 1.67 19.50 -17.41
N PRO A 248 2.16 20.46 -18.17
CA PRO A 248 3.24 21.31 -17.71
C PRO A 248 2.89 22.16 -16.51
N ASP A 249 1.66 22.65 -16.45
CA ASP A 249 1.27 23.54 -15.36
C ASP A 249 0.28 22.96 -14.35
N THR A 250 0.13 21.65 -14.35
CA THR A 250 -0.78 20.98 -13.45
C THR A 250 -0.01 20.24 -12.35
N ALA A 251 -0.53 20.26 -11.14
CA ALA A 251 0.05 19.46 -10.08
C ALA A 251 -0.42 18.02 -10.21
N VAL A 252 0.53 17.11 -10.33
CA VAL A 252 0.26 15.70 -10.56
C VAL A 252 0.72 14.93 -9.36
N TRP A 253 -0.01 13.85 -9.10
CA TRP A 253 0.12 13.05 -7.91
C TRP A 253 -0.01 11.57 -8.27
N THR A 254 0.53 10.73 -7.41
CA THR A 254 0.43 9.30 -7.55
C THR A 254 0.07 8.71 -6.19
N GLU A 255 -0.48 7.51 -6.15
CA GLU A 255 -0.89 6.93 -4.89
C GLU A 255 -0.27 5.56 -4.69
N PRO A 256 1.05 5.51 -4.58
CA PRO A 256 1.71 4.24 -4.36
C PRO A 256 1.32 3.65 -3.02
N GLY A 257 1.10 2.35 -2.98
CA GLY A 257 0.83 1.67 -1.73
C GLY A 257 1.75 0.48 -1.55
N ARG A 258 1.40 -0.61 -2.21
CA ARG A 258 2.27 -1.81 -2.26
C ARG A 258 3.75 -1.48 -2.61
N TYR A 259 3.91 -0.57 -3.55
CA TYR A 259 5.22 -0.23 -4.03
C TYR A 259 6.12 0.28 -2.90
N MET A 260 5.58 1.10 -2.03
CA MET A 260 6.39 1.72 -1.00
C MET A 260 7.00 0.76 0.03
N CYS A 261 6.22 -0.18 0.52
CA CYS A 261 6.67 -1.02 1.63
C CYS A 261 6.73 -2.51 1.41
N GLY A 262 6.14 -2.99 0.33
CA GLY A 262 5.96 -4.43 0.14
C GLY A 262 7.29 -5.18 0.32
N THR A 263 8.32 -4.57 -0.27
CA THR A 263 9.66 -5.17 -0.31
C THR A 263 10.53 -4.72 0.85
N ALA A 264 9.99 -3.97 1.85
CA ALA A 264 10.76 -3.47 2.96
C ALA A 264 10.53 -4.21 4.27
N VAL A 265 9.73 -5.29 4.25
CA VAL A 265 9.30 -5.93 5.48
C VAL A 265 9.41 -7.43 5.33
N ASN A 266 9.82 -8.12 6.40
CA ASN A 266 9.80 -9.58 6.34
C ASN A 266 9.11 -10.08 7.57
N LEU A 267 8.65 -11.34 7.49
CA LEU A 267 8.03 -11.99 8.62
C LEU A 267 8.95 -13.10 9.11
N VAL A 268 9.17 -13.13 10.42
CA VAL A 268 9.85 -14.23 11.10
C VAL A 268 8.82 -15.03 11.91
N THR A 269 8.73 -16.34 11.60
CA THR A 269 7.77 -17.22 12.21
C THR A 269 8.41 -18.56 12.59
N SER A 270 8.04 -19.07 13.75
CA SER A 270 8.51 -20.37 14.23
C SER A 270 7.63 -21.57 13.88
N VAL A 271 8.27 -22.71 13.60
CA VAL A 271 7.65 -24.03 13.57
C VAL A 271 7.29 -24.37 14.99
N ILE A 272 5.99 -24.54 15.21
CA ILE A 272 5.53 -24.89 16.53
C ILE A 272 5.00 -26.31 16.62
N GLY A 273 4.76 -26.93 15.47
CA GLY A 273 4.36 -28.32 15.47
C GLY A 273 4.79 -28.93 14.17
N THR A 274 4.91 -30.23 14.13
CA THR A 274 5.04 -30.97 12.88
C THR A 274 4.04 -32.09 12.85
N LYS A 275 3.70 -32.56 11.67
CA LYS A 275 3.07 -33.85 11.52
C LYS A 275 3.90 -34.60 10.48
N THR A 276 4.49 -35.71 10.88
CA THR A 276 5.35 -36.49 9.97
C THR A 276 4.73 -37.80 9.50
N ARG A 277 3.50 -38.11 9.86
CA ARG A 277 2.94 -39.40 9.46
C ARG A 277 2.57 -39.50 7.98
N GLY A 278 2.30 -38.40 7.29
CA GLY A 278 1.87 -38.43 5.86
C GLY A 278 3.12 -38.55 5.00
N GLU A 279 2.96 -38.83 3.70
CA GLU A 279 4.11 -38.78 2.76
C GLU A 279 4.74 -37.39 2.80
N GLN A 280 3.85 -36.41 2.82
CA GLN A 280 4.23 -35.02 2.88
C GLN A 280 4.23 -34.54 4.32
N PRO A 281 5.36 -34.11 4.83
CA PRO A 281 5.42 -33.59 6.19
C PRO A 281 4.65 -32.27 6.27
N TRP A 282 4.10 -31.99 7.44
CA TRP A 282 3.38 -30.76 7.71
C TRP A 282 4.11 -29.99 8.79
N TYR A 283 4.27 -28.70 8.58
CA TYR A 283 4.84 -27.85 9.60
C TYR A 283 3.82 -26.83 10.04
N ILE A 284 3.63 -26.69 11.34
CA ILE A 284 2.73 -25.67 11.84
C ILE A 284 3.54 -24.48 12.29
N LEU A 285 3.27 -23.33 11.68
CA LEU A 285 3.90 -22.09 11.97
C LEU A 285 3.05 -21.33 13.01
N ASP A 286 3.66 -20.35 13.67
CA ASP A 286 2.95 -19.53 14.63
C ASP A 286 2.33 -18.26 14.05
N GLU A 287 2.36 -18.11 12.73
CA GLU A 287 1.53 -17.09 12.04
C GLU A 287 0.83 -17.74 10.90
N GLY A 288 -0.40 -17.30 10.64
CA GLY A 288 -1.26 -17.94 9.68
C GLY A 288 -2.14 -17.00 8.87
N ILE A 289 -3.16 -17.65 8.28
CA ILE A 289 -4.08 -17.04 7.38
C ILE A 289 -4.99 -16.01 8.10
N TYR A 290 -5.13 -16.13 9.41
CA TYR A 290 -5.88 -15.10 10.21
C TYR A 290 -5.05 -13.90 10.65
N GLY A 291 -3.79 -13.95 10.25
CA GLY A 291 -2.74 -13.00 10.66
C GLY A 291 -2.16 -12.42 9.38
N CYS A 292 -0.84 -12.36 9.27
CA CYS A 292 -0.19 -11.76 8.11
C CYS A 292 -0.53 -12.42 6.78
N PHE A 293 -0.82 -13.73 6.81
CA PHE A 293 -1.15 -14.44 5.57
C PHE A 293 -2.57 -14.23 5.12
N SER A 294 -3.34 -13.43 5.85
CA SER A 294 -4.65 -12.97 5.37
C SER A 294 -4.61 -12.39 3.94
N GLY A 295 -3.44 -11.87 3.54
CA GLY A 295 -3.22 -11.45 2.19
C GLY A 295 -3.39 -12.57 1.14
N ILE A 296 -3.28 -13.81 1.54
CA ILE A 296 -3.67 -14.93 0.62
C ILE A 296 -5.16 -14.88 0.29
N MET A 297 -5.98 -14.58 1.29
CA MET A 297 -7.44 -14.47 1.18
C MET A 297 -7.86 -13.20 0.46
N TYR A 298 -7.44 -12.05 0.97
CA TYR A 298 -7.93 -10.84 0.44
C TYR A 298 -7.16 -10.28 -0.72
N ASP A 299 -5.87 -10.58 -0.83
CA ASP A 299 -4.99 -9.87 -1.79
C ASP A 299 -4.59 -10.86 -2.90
N HIS A 300 -4.98 -12.12 -2.74
CA HIS A 300 -4.66 -13.16 -3.69
C HIS A 300 -3.16 -13.14 -3.99
N TRP A 301 -2.31 -13.07 -2.94
CA TRP A 301 -0.87 -12.80 -3.16
C TRP A 301 -0.12 -14.04 -2.74
N THR A 302 1.15 -14.11 -3.14
CA THR A 302 2.05 -15.21 -2.77
C THR A 302 3.36 -14.63 -2.21
N TYR A 303 3.92 -15.22 -1.14
CA TYR A 303 5.07 -14.67 -0.40
C TYR A 303 6.23 -15.68 -0.39
N PRO A 304 7.42 -15.26 -0.83
CA PRO A 304 8.56 -16.20 -0.85
C PRO A 304 8.85 -16.70 0.56
N LEU A 305 8.87 -18.01 0.70
CA LEU A 305 9.22 -18.65 1.96
C LEU A 305 10.66 -19.20 1.88
N HIS A 306 11.47 -18.85 2.89
CA HIS A 306 12.87 -19.28 3.08
C HIS A 306 13.05 -20.15 4.39
N CYS A 307 13.38 -21.42 4.19
CA CYS A 307 13.75 -22.31 5.28
C CYS A 307 15.25 -22.49 5.23
N PHE A 308 15.88 -22.53 6.38
CA PHE A 308 17.31 -22.48 6.47
C PHE A 308 18.02 -23.83 6.60
N GLY A 309 17.27 -24.91 6.46
CA GLY A 309 17.80 -26.24 6.62
C GLY A 309 18.86 -26.69 5.62
N LYS A 310 19.83 -27.45 6.14
CA LYS A 310 20.91 -28.02 5.35
C LYS A 310 20.53 -29.06 4.29
N GLY A 311 19.67 -29.99 4.66
CA GLY A 311 19.56 -31.28 4.01
C GLY A 311 18.75 -31.35 2.76
N ASN A 312 18.54 -32.55 2.25
CA ASN A 312 17.69 -32.74 1.10
C ASN A 312 16.27 -32.36 1.47
N LYS A 313 15.47 -32.00 0.48
CA LYS A 313 14.17 -31.43 0.71
C LYS A 313 13.09 -32.25 0.05
N LYS A 314 11.90 -32.26 0.63
CA LYS A 314 10.78 -32.97 0.03
C LYS A 314 9.50 -32.09 0.04
N PRO A 315 8.58 -32.34 -0.89
CA PRO A 315 7.33 -31.58 -0.85
C PRO A 315 6.72 -31.61 0.58
N SER A 316 6.47 -30.41 1.11
CA SER A 316 6.01 -30.18 2.46
C SER A 316 4.78 -29.24 2.47
N THR A 317 3.92 -29.36 3.48
CA THR A 317 2.80 -28.42 3.68
C THR A 317 3.14 -27.54 4.91
N PHE A 318 2.85 -26.23 4.83
CA PHE A 318 2.97 -25.33 5.97
C PHE A 318 1.57 -24.84 6.33
N GLY A 319 1.23 -24.95 7.62
CA GLY A 319 -0.11 -24.59 8.09
C GLY A 319 0.06 -23.52 9.13
N GLY A 320 -0.98 -22.71 9.35
CA GLY A 320 -0.98 -21.71 10.41
C GLY A 320 -1.48 -22.29 11.72
N PRO A 321 -1.48 -21.49 12.78
CA PRO A 321 -1.69 -22.01 14.13
C PRO A 321 -3.16 -22.16 14.51
N SER A 322 -4.06 -21.77 13.65
CA SER A 322 -5.48 -21.78 13.97
C SER A 322 -6.13 -23.16 14.04
N CYS A 323 -7.29 -23.19 14.69
CA CYS A 323 -8.13 -24.37 14.80
C CYS A 323 -8.97 -24.55 13.55
N ASP A 324 -8.84 -23.60 12.63
CA ASP A 324 -9.44 -23.70 11.32
C ASP A 324 -8.70 -24.63 10.36
N GLY A 325 -9.47 -25.36 9.54
CA GLY A 325 -8.98 -26.16 8.44
C GLY A 325 -8.42 -25.39 7.26
N ILE A 326 -8.89 -24.16 7.11
CA ILE A 326 -8.53 -23.27 6.02
C ILE A 326 -7.15 -22.64 6.17
N ASP A 327 -6.57 -22.79 7.34
CA ASP A 327 -5.29 -22.16 7.66
C ASP A 327 -4.16 -23.01 7.08
N VAL A 328 -4.09 -23.05 5.77
CA VAL A 328 -3.02 -23.73 5.06
C VAL A 328 -2.33 -22.73 4.18
N LEU A 329 -1.01 -22.63 4.30
CA LEU A 329 -0.23 -21.57 3.68
C LEU A 329 0.48 -21.90 2.37
N TYR A 330 1.13 -23.05 2.36
CA TYR A 330 1.93 -23.55 1.22
C TYR A 330 1.70 -25.06 1.22
N ARG A 331 1.51 -25.61 0.01
CA ARG A 331 1.39 -27.06 -0.24
C ARG A 331 2.47 -27.46 -1.25
N ASP A 332 3.02 -28.67 -1.09
CA ASP A 332 3.96 -29.27 -2.06
C ASP A 332 5.13 -28.39 -2.21
N PHE A 333 5.52 -27.74 -1.13
CA PHE A 333 6.66 -26.85 -1.13
C PHE A 333 7.92 -27.61 -0.75
N MET A 334 8.96 -27.49 -1.57
CA MET A 334 10.22 -28.18 -1.33
C MET A 334 10.95 -27.56 -0.20
N ALA A 335 11.16 -28.36 0.85
CA ALA A 335 11.67 -27.88 2.13
C ALA A 335 12.50 -28.97 2.82
N PRO A 336 13.60 -28.60 3.53
CA PRO A 336 14.31 -29.55 4.41
C PRO A 336 13.49 -29.95 5.62
N GLU A 337 14.05 -30.89 6.37
CA GLU A 337 13.44 -31.39 7.56
C GLU A 337 13.61 -30.30 8.60
N LEU A 338 12.49 -29.79 9.08
CA LEU A 338 12.48 -28.77 10.06
C LEU A 338 11.98 -29.35 11.38
N LYS A 339 12.31 -28.72 12.47
CA LYS A 339 11.95 -29.19 13.78
C LYS A 339 11.29 -28.06 14.53
N ILE A 340 10.50 -28.43 15.55
CA ILE A 340 9.90 -27.43 16.44
C ILE A 340 10.96 -26.54 16.99
N GLY A 341 10.70 -25.23 17.03
CA GLY A 341 11.68 -24.24 17.44
C GLY A 341 12.47 -23.63 16.27
N ASP A 342 12.51 -24.26 15.08
CA ASP A 342 13.16 -23.65 13.92
C ASP A 342 12.38 -22.40 13.51
N LYS A 343 13.09 -21.39 13.01
CA LYS A 343 12.52 -20.14 12.49
C LYS A 343 12.57 -20.19 10.97
N VAL A 344 11.48 -19.80 10.29
CA VAL A 344 11.51 -19.56 8.88
C VAL A 344 11.27 -18.06 8.61
N LEU A 345 11.47 -17.71 7.35
CA LEU A 345 11.52 -16.32 6.93
C LEU A 345 10.69 -16.17 5.71
N VAL A 346 9.81 -15.18 5.76
CA VAL A 346 8.93 -14.89 4.64
C VAL A 346 9.22 -13.45 4.24
N THR A 347 9.55 -13.24 2.95
CA THR A 347 9.86 -11.89 2.46
C THR A 347 8.71 -11.28 1.73
N GLU A 348 8.90 -10.04 1.30
CA GLU A 348 7.85 -9.30 0.59
C GLU A 348 6.57 -9.21 1.45
N MET A 349 6.76 -8.98 2.75
CA MET A 349 5.67 -9.01 3.69
C MET A 349 5.20 -7.65 4.20
N GLY A 350 5.44 -6.62 3.37
CA GLY A 350 5.23 -5.25 3.75
C GLY A 350 3.87 -4.64 3.43
N SER A 351 3.04 -5.32 2.61
CA SER A 351 1.84 -4.71 2.02
C SER A 351 0.66 -5.66 2.06
N TYR A 352 -0.45 -5.19 2.62
CA TYR A 352 -1.70 -5.92 2.63
C TYR A 352 -1.56 -7.28 3.27
N THR A 353 -0.80 -7.34 4.35
CA THR A 353 -0.65 -8.57 5.09
C THR A 353 -1.06 -8.31 6.53
N SER A 354 -0.22 -7.57 7.24
CA SER A 354 -0.47 -7.25 8.62
C SER A 354 -1.76 -6.45 8.77
N VAL A 355 -2.02 -5.60 7.79
CA VAL A 355 -3.18 -4.73 7.84
C VAL A 355 -4.51 -5.49 7.84
N SER A 356 -4.54 -6.70 7.31
CA SER A 356 -5.75 -7.52 7.35
C SER A 356 -5.78 -8.63 8.42
N ALA A 357 -4.84 -8.60 9.35
CA ALA A 357 -4.77 -9.54 10.46
C ALA A 357 -5.89 -9.35 11.48
N THR A 358 -6.27 -10.43 12.16
CA THR A 358 -7.40 -10.43 13.06
C THR A 358 -6.96 -11.03 14.37
N ARG A 359 -7.84 -10.94 15.36
CA ARG A 359 -7.63 -11.53 16.66
C ARG A 359 -8.37 -12.87 16.78
N PHE A 360 -8.71 -13.45 15.64
CA PHE A 360 -9.44 -14.71 15.64
C PHE A 360 -8.67 -15.77 16.42
N ASN A 361 -9.41 -16.50 17.25
CA ASN A 361 -8.87 -17.54 18.11
C ASN A 361 -8.12 -16.92 19.28
N GLY A 362 -8.21 -15.60 19.41
CA GLY A 362 -7.49 -14.89 20.44
C GLY A 362 -6.01 -14.63 20.16
N PHE A 363 -5.54 -14.99 18.99
CA PHE A 363 -4.14 -14.78 18.66
C PHE A 363 -3.85 -13.29 18.66
N TYR A 364 -2.65 -12.94 19.11
CA TYR A 364 -2.20 -11.57 19.07
C TYR A 364 -1.86 -11.12 17.63
N LEU A 365 -1.88 -9.81 17.42
CA LEU A 365 -1.37 -9.22 16.14
C LEU A 365 0.15 -9.27 16.19
N ALA A 366 0.79 -9.90 15.21
CA ALA A 366 2.25 -9.90 15.11
C ALA A 366 2.70 -8.44 15.03
N PRO A 367 3.65 -8.01 15.90
CA PRO A 367 4.14 -6.62 15.91
C PRO A 367 5.18 -6.38 14.82
N THR A 368 5.33 -5.12 14.41
CA THR A 368 6.28 -4.78 13.41
C THR A 368 7.44 -4.08 14.17
N ILE A 369 8.63 -4.66 14.06
CA ILE A 369 9.87 -4.25 14.74
C ILE A 369 10.67 -3.47 13.70
N ILE A 370 11.28 -2.38 14.13
CA ILE A 370 12.08 -1.54 13.26
C ILE A 370 13.53 -2.00 13.26
N PHE A 371 14.00 -2.42 12.11
CA PHE A 371 15.30 -2.97 11.94
C PHE A 371 16.35 -1.97 12.34
N GLU A 372 16.15 -0.70 11.99
CA GLU A 372 17.18 0.29 12.18
C GLU A 372 17.39 0.54 13.65
N ASP A 373 16.43 0.16 14.49
CA ASP A 373 16.64 0.25 15.93
C ASP A 373 17.28 -1.01 16.54
N GLN A 374 17.81 -1.94 15.77
CA GLN A 374 18.30 -3.21 16.32
C GLN A 374 19.80 -3.33 16.14
N PRO A 375 20.48 -3.99 17.09
CA PRO A 375 21.92 -4.25 16.96
C PRO A 375 22.31 -4.89 15.63
N GLU A 376 21.43 -5.70 15.08
CA GLU A 376 21.68 -6.31 13.79
C GLU A 376 21.91 -5.29 12.67
N TYR A 377 21.26 -4.14 12.75
CA TYR A 377 21.44 -3.09 11.75
C TYR A 377 22.84 -2.48 11.72
N ALA A 378 23.38 -2.19 12.90
CA ALA A 378 24.70 -1.59 13.02
C ALA A 378 25.75 -2.53 12.44
N ALA A 379 25.57 -3.81 12.70
CA ALA A 379 26.48 -4.84 12.25
C ALA A 379 26.56 -4.88 10.73
N ARG A 380 25.44 -4.65 10.07
CA ARG A 380 25.39 -4.68 8.61
C ARG A 380 26.40 -3.76 7.93
#